data_9DT7
#
_entry.id   9DT7
#
_cell.length_a   57.509
_cell.length_b   79.740
_cell.length_c   91.709
_cell.angle_alpha   90.00
_cell.angle_beta   90.00
_cell.angle_gamma   90.00
#
_symmetry.space_group_name_H-M   'P 21 21 21'
#
loop_
_entity.id
_entity.type
_entity.pdbx_description
1 polymer 'ADP-ribose pyrophosphatase'
2 non-polymer 'MAGNESIUM ION'
3 non-polymer 5-O-phosphono-alpha-D-ribofuranose
4 water water
#
_entity_poly.entity_id   1
_entity_poly.type   'polypeptide(L)'
_entity_poly.pdbx_seq_one_letter_code
;MAHHHHHHMSKPTQQGITFSKNDVEIIARETLYRGFFSLDLYRFRHRLFNGGMSGEITREIFERGHAAVLLPFDPVRDEV
VLVEQIRIAAYDTSESPWLLEMVAGMIEAGETVEDVARREALEEAGLEVGRTKPILSYLASPGGTSERLSILVGEVDAST
AKGIHGLAEENEDIRVHVVSREQAYQWVEEGKIDNAASVIALQWLQLHYHNLRNEWTK
;
_entity_poly.pdbx_strand_id   A,B
#
loop_
_chem_comp.id
_chem_comp.type
_chem_comp.name
_chem_comp.formula
HSX D-saccharide, alpha linking 5-O-phosphono-alpha-D-ribofuranose 'C5 H11 O8 P'
MG non-polymer 'MAGNESIUM ION' 'Mg 2'
#
# COMPACT_ATOMS: atom_id res chain seq x y z
N GLN A 15 7.27 3.51 -25.10
CA GLN A 15 5.93 3.68 -24.51
C GLN A 15 6.04 3.88 -23.01
N GLY A 16 4.91 3.75 -22.31
CA GLY A 16 4.85 4.08 -20.90
C GLY A 16 4.30 5.49 -20.67
N ILE A 17 4.75 6.13 -19.59
CA ILE A 17 4.20 7.42 -19.20
C ILE A 17 4.59 8.51 -20.20
N THR A 18 3.84 9.59 -20.15
CA THR A 18 3.80 10.59 -21.19
C THR A 18 4.63 11.81 -20.82
N PHE A 19 4.69 12.15 -19.53
CA PHE A 19 5.23 13.41 -19.07
C PHE A 19 6.23 13.17 -17.96
N SER A 20 7.12 14.15 -17.80
CA SER A 20 8.25 14.12 -16.89
C SER A 20 8.20 15.33 -15.93
N LYS A 21 9.26 15.50 -15.13
CA LYS A 21 9.30 16.66 -14.24
C LYS A 21 9.40 17.99 -14.99
N ASN A 22 9.86 17.98 -16.24
CA ASN A 22 9.84 19.20 -17.02
C ASN A 22 8.43 19.69 -17.33
N ASP A 23 7.43 18.85 -17.11
CA ASP A 23 6.06 19.12 -17.53
C ASP A 23 5.17 19.54 -16.37
N VAL A 24 5.73 19.71 -15.19
CA VAL A 24 4.99 20.14 -14.02
C VAL A 24 5.77 21.26 -13.36
N GLU A 25 5.05 22.27 -12.88
CA GLU A 25 5.64 23.38 -12.11
CA GLU A 25 5.63 23.38 -12.13
C GLU A 25 4.99 23.39 -10.75
N ILE A 26 5.77 23.12 -9.72
CA ILE A 26 5.29 23.23 -8.35
C ILE A 26 5.48 24.70 -7.94
N ILE A 27 4.37 25.43 -7.80
CA ILE A 27 4.39 26.87 -7.55
CA ILE A 27 4.39 26.86 -7.55
C ILE A 27 4.71 27.15 -6.09
N ALA A 28 4.15 26.37 -5.16
CA ALA A 28 4.32 26.64 -3.75
C ALA A 28 4.09 25.36 -2.97
N ARG A 29 4.81 25.23 -1.86
CA ARG A 29 4.50 24.23 -0.85
C ARG A 29 4.40 24.90 0.52
N GLU A 30 3.44 24.48 1.31
CA GLU A 30 3.22 25.00 2.65
CA GLU A 30 3.24 25.00 2.65
C GLU A 30 2.99 23.82 3.59
N THR A 31 3.52 23.91 4.82
CA THR A 31 3.19 22.94 5.87
C THR A 31 2.10 23.55 6.72
N LEU A 32 0.93 22.94 6.67
CA LEU A 32 -0.25 23.43 7.39
C LEU A 32 -0.36 22.85 8.79
N TYR A 33 0.25 21.69 9.05
CA TYR A 33 0.25 21.07 10.37
C TYR A 33 1.57 20.36 10.51
N ARG A 34 2.22 20.58 11.65
CA ARG A 34 3.46 19.85 11.93
C ARG A 34 3.40 19.33 13.37
N GLY A 35 3.48 18.02 13.51
CA GLY A 35 3.57 17.37 14.81
C GLY A 35 4.48 16.19 14.67
N PHE A 36 3.97 15.01 15.01
CA PHE A 36 4.73 13.80 14.73
C PHE A 36 4.90 13.62 13.23
N PHE A 37 3.83 13.87 12.48
CA PHE A 37 3.81 13.87 11.04
C PHE A 37 3.51 15.28 10.55
N SER A 38 3.40 15.46 9.23
CA SER A 38 3.10 16.75 8.65
CA SER A 38 3.15 16.75 8.60
CA SER A 38 3.11 16.75 8.64
C SER A 38 1.98 16.62 7.63
N LEU A 39 1.20 17.71 7.50
CA LEU A 39 0.17 17.83 6.48
C LEU A 39 0.60 19.03 5.64
N ASP A 40 0.97 18.76 4.38
CA ASP A 40 1.49 19.78 3.48
C ASP A 40 0.45 20.11 2.42
N LEU A 41 0.58 21.29 1.83
CA LEU A 41 -0.25 21.72 0.71
C LEU A 41 0.67 22.05 -0.45
N TYR A 42 0.44 21.40 -1.60
CA TYR A 42 1.21 21.65 -2.80
C TYR A 42 0.30 22.42 -3.77
N ARG A 43 0.83 23.46 -4.39
CA ARG A 43 0.16 24.22 -5.43
CA ARG A 43 0.15 24.21 -5.44
C ARG A 43 0.99 24.08 -6.69
N PHE A 44 0.37 23.72 -7.80
CA PHE A 44 1.13 23.35 -8.98
C PHE A 44 0.28 23.47 -10.22
N ARG A 45 0.96 23.49 -11.36
CA ARG A 45 0.33 23.39 -12.67
CA ARG A 45 0.32 23.39 -12.66
C ARG A 45 1.07 22.33 -13.46
N HIS A 46 0.38 21.71 -14.41
CA HIS A 46 0.97 20.58 -15.14
C HIS A 46 0.41 20.49 -16.55
N ARG A 47 1.20 19.87 -17.41
CA ARG A 47 0.76 19.60 -18.78
C ARG A 47 -0.45 18.67 -18.80
N LEU A 48 -1.32 18.92 -19.79
CA LEU A 48 -2.53 18.14 -20.05
C LEU A 48 -2.31 17.26 -21.28
N PHE A 49 -2.91 16.07 -21.25
CA PHE A 49 -2.74 15.13 -22.35
C PHE A 49 -3.18 15.71 -23.68
N ASN A 50 -4.23 16.53 -23.70
CA ASN A 50 -4.72 17.08 -24.96
C ASN A 50 -4.02 18.36 -25.35
N GLY A 51 -2.92 18.70 -24.68
CA GLY A 51 -2.21 19.92 -25.00
C GLY A 51 -2.44 21.02 -23.97
N GLY A 52 -1.43 21.84 -23.79
CA GLY A 52 -1.55 22.97 -22.92
C GLY A 52 -1.32 22.60 -21.47
N MET A 53 -1.53 23.60 -20.62
CA MET A 53 -1.25 23.51 -19.21
C MET A 53 -2.52 23.67 -18.40
N SER A 54 -2.60 22.95 -17.29
CA SER A 54 -3.68 23.15 -16.35
C SER A 54 -3.59 24.54 -15.72
N GLY A 55 -4.67 24.95 -15.07
CA GLY A 55 -4.58 26.04 -14.13
C GLY A 55 -3.90 25.57 -12.85
N GLU A 56 -3.88 26.46 -11.88
CA GLU A 56 -3.26 26.12 -10.61
C GLU A 56 -4.14 25.14 -9.85
N ILE A 57 -3.51 24.08 -9.35
CA ILE A 57 -4.17 23.00 -8.62
C ILE A 57 -3.56 22.96 -7.24
N THR A 58 -4.39 22.73 -6.22
CA THR A 58 -3.89 22.54 -4.86
CA THR A 58 -3.95 22.57 -4.83
C THR A 58 -4.28 21.16 -4.36
N ARG A 59 -3.34 20.52 -3.67
CA ARG A 59 -3.52 19.19 -3.10
C ARG A 59 -2.91 19.12 -1.71
N GLU A 60 -3.65 18.53 -0.79
CA GLU A 60 -3.15 18.20 0.54
C GLU A 60 -2.39 16.88 0.46
N ILE A 61 -1.26 16.81 1.17
CA ILE A 61 -0.37 15.65 1.13
C ILE A 61 0.08 15.32 2.56
N PHE A 62 -0.18 14.10 2.97
CA PHE A 62 0.30 13.58 4.26
C PHE A 62 1.77 13.19 4.09
N GLU A 63 2.64 13.80 4.87
CA GLU A 63 4.08 13.67 4.77
C GLU A 63 4.62 13.08 6.05
N ARG A 64 5.25 11.92 5.93
CA ARG A 64 5.76 11.17 7.07
C ARG A 64 7.11 10.55 6.76
N GLY A 65 7.81 11.03 5.76
CA GLY A 65 9.05 10.39 5.35
C GLY A 65 8.76 9.03 4.73
N HIS A 66 9.83 8.24 4.63
CA HIS A 66 9.87 7.02 3.82
C HIS A 66 10.46 5.89 4.64
N ALA A 67 10.13 4.66 4.25
CA ALA A 67 10.39 3.50 5.08
C ALA A 67 11.17 2.41 4.37
N ALA A 68 11.87 1.62 5.18
CA ALA A 68 12.44 0.35 4.77
C ALA A 68 11.65 -0.78 5.40
N VAL A 69 11.45 -1.86 4.63
CA VAL A 69 10.66 -3.00 5.06
C VAL A 69 11.47 -4.26 4.84
N LEU A 70 11.39 -5.21 5.77
CA LEU A 70 12.10 -6.48 5.62
C LEU A 70 11.15 -7.66 5.82
N LEU A 71 11.09 -8.53 4.81
CA LEU A 71 10.40 -9.82 4.90
C LEU A 71 11.40 -10.82 5.43
N PRO A 72 11.27 -11.30 6.67
CA PRO A 72 12.27 -12.26 7.18
C PRO A 72 11.86 -13.66 6.73
N PHE A 73 12.70 -14.27 5.88
CA PHE A 73 12.40 -15.57 5.29
C PHE A 73 13.51 -16.55 5.65
N ASP A 74 13.11 -17.73 6.15
CA ASP A 74 14.06 -18.80 6.43
C ASP A 74 13.99 -19.82 5.31
N PRO A 75 14.97 -19.87 4.41
CA PRO A 75 14.87 -20.72 3.22
C PRO A 75 15.06 -22.21 3.52
N VAL A 76 15.69 -22.53 4.65
CA VAL A 76 15.82 -23.93 5.07
C VAL A 76 14.47 -24.49 5.47
N ARG A 77 13.73 -23.70 6.25
CA ARG A 77 12.50 -24.15 6.86
CA ARG A 77 12.49 -24.14 6.87
C ARG A 77 11.26 -23.74 6.08
N ASP A 78 11.41 -22.89 5.07
CA ASP A 78 10.28 -22.35 4.34
C ASP A 78 9.30 -21.65 5.29
N GLU A 79 9.84 -20.78 6.15
CA GLU A 79 9.08 -20.08 7.18
C GLU A 79 9.30 -18.59 7.07
N VAL A 80 8.32 -17.84 7.54
CA VAL A 80 8.33 -16.38 7.63
CA VAL A 80 8.44 -16.40 7.65
C VAL A 80 8.23 -15.99 9.09
N VAL A 81 8.89 -14.90 9.45
CA VAL A 81 8.71 -14.31 10.80
C VAL A 81 7.85 -13.08 10.66
N LEU A 82 6.76 -13.03 11.40
CA LEU A 82 5.84 -11.91 11.42
C LEU A 82 5.97 -11.19 12.76
N VAL A 83 5.68 -9.90 12.78
CA VAL A 83 5.63 -9.14 14.01
C VAL A 83 4.21 -8.66 14.22
N GLU A 84 3.74 -8.73 15.47
CA GLU A 84 2.40 -8.30 15.83
C GLU A 84 2.48 -7.09 16.73
N GLN A 85 1.70 -6.06 16.43
CA GLN A 85 1.59 -4.89 17.30
C GLN A 85 0.31 -4.16 16.96
N ILE A 86 -0.14 -3.32 17.89
CA ILE A 86 -1.36 -2.54 17.63
C ILE A 86 -1.08 -1.43 16.64
N ARG A 87 -2.03 -1.23 15.74
CA ARG A 87 -2.03 -0.11 14.78
C ARG A 87 -3.43 0.48 14.90
N ILE A 88 -3.58 1.49 15.75
CA ILE A 88 -4.93 1.97 16.05
C ILE A 88 -5.64 2.50 14.80
N ALA A 89 -4.90 2.95 13.79
CA ALA A 89 -5.55 3.41 12.57
C ALA A 89 -6.39 2.32 11.91
N ALA A 90 -6.06 1.04 12.14
CA ALA A 90 -6.82 -0.07 11.57
C ALA A 90 -8.17 -0.27 12.23
N TYR A 91 -8.39 0.33 13.40
CA TYR A 91 -9.54 -0.01 14.24
C TYR A 91 -10.86 0.08 13.49
N ASP A 92 -11.11 1.19 12.79
CA ASP A 92 -12.45 1.44 12.26
C ASP A 92 -12.87 0.50 11.13
N THR A 93 -11.92 -0.18 10.49
CA THR A 93 -12.24 -1.03 9.35
C THR A 93 -11.76 -2.47 9.51
N SER A 94 -11.35 -2.87 10.70
CA SER A 94 -10.77 -4.18 10.92
C SER A 94 -11.39 -4.83 12.16
N GLU A 95 -11.35 -6.15 12.21
CA GLU A 95 -11.87 -6.83 13.40
C GLU A 95 -11.03 -6.55 14.64
N SER A 96 -9.70 -6.42 14.48
CA SER A 96 -8.81 -6.05 15.56
C SER A 96 -7.75 -5.09 15.06
N PRO A 97 -7.33 -4.14 15.89
CA PRO A 97 -6.24 -3.25 15.46
C PRO A 97 -4.85 -3.87 15.62
N TRP A 98 -4.71 -5.04 16.25
CA TRP A 98 -3.42 -5.74 16.27
C TRP A 98 -3.24 -6.41 14.92
N LEU A 99 -2.16 -6.07 14.25
CA LEU A 99 -1.87 -6.58 12.91
C LEU A 99 -0.62 -7.44 12.88
N LEU A 100 -0.57 -8.36 11.93
CA LEU A 100 0.62 -9.14 11.60
C LEU A 100 1.33 -8.47 10.44
N GLU A 101 2.61 -8.15 10.63
CA GLU A 101 3.33 -7.27 9.71
C GLU A 101 4.77 -7.73 9.46
N MET A 102 5.36 -7.12 8.44
CA MET A 102 6.78 -7.16 8.16
CA MET A 102 6.78 -7.23 8.23
C MET A 102 7.51 -6.21 9.09
N VAL A 103 8.76 -6.52 9.38
CA VAL A 103 9.64 -5.57 10.06
C VAL A 103 9.76 -4.30 9.21
N ALA A 104 9.75 -3.12 9.86
CA ALA A 104 9.80 -1.88 9.09
C ALA A 104 10.21 -0.71 9.98
N GLY A 105 10.79 0.32 9.36
CA GLY A 105 11.09 1.57 10.06
C GLY A 105 11.49 2.68 9.10
N MET A 106 11.57 3.89 9.66
CA MET A 106 11.87 5.09 8.88
C MET A 106 13.33 5.15 8.45
N ILE A 107 13.55 5.67 7.25
CA ILE A 107 14.88 5.92 6.72
C ILE A 107 15.26 7.37 7.05
N GLU A 108 16.32 7.53 7.83
CA GLU A 108 16.81 8.87 8.18
C GLU A 108 17.82 9.34 7.13
N ALA A 109 18.19 10.61 7.24
CA ALA A 109 19.02 11.23 6.22
C ALA A 109 20.32 10.45 6.02
N GLY A 110 20.63 10.15 4.76
CA GLY A 110 21.86 9.48 4.44
C GLY A 110 21.91 8.00 4.80
N GLU A 111 20.83 7.44 5.34
CA GLU A 111 20.80 6.01 5.60
C GLU A 111 20.36 5.25 4.35
N THR A 112 20.80 4.00 4.25
CA THR A 112 20.38 3.13 3.17
C THR A 112 19.21 2.25 3.62
N VAL A 113 18.42 1.82 2.64
CA VAL A 113 17.33 0.88 2.92
C VAL A 113 17.88 -0.34 3.65
N GLU A 114 18.99 -0.89 3.15
CA GLU A 114 19.51 -2.11 3.74
C GLU A 114 19.96 -1.91 5.18
N ASP A 115 20.62 -0.79 5.47
CA ASP A 115 21.04 -0.58 6.85
C ASP A 115 19.84 -0.49 7.78
N VAL A 116 18.78 0.19 7.35
CA VAL A 116 17.60 0.33 8.20
C VAL A 116 16.89 -1.00 8.37
N ALA A 117 16.72 -1.75 7.27
CA ALA A 117 16.05 -3.05 7.33
C ALA A 117 16.77 -3.98 8.28
N ARG A 118 18.09 -4.03 8.21
CA ARG A 118 18.84 -4.93 9.09
C ARG A 118 18.72 -4.48 10.54
N ARG A 119 18.78 -3.17 10.79
CA ARG A 119 18.65 -2.66 12.15
C ARG A 119 17.26 -2.97 12.73
N GLU A 120 16.20 -2.73 11.96
CA GLU A 120 14.85 -2.98 12.46
C GLU A 120 14.61 -4.47 12.70
N ALA A 121 15.21 -5.35 11.90
CA ALA A 121 15.00 -6.77 12.13
C ALA A 121 15.52 -7.17 13.52
N LEU A 122 16.64 -6.58 13.92
CA LEU A 122 17.17 -6.84 15.26
C LEU A 122 16.31 -6.15 16.33
N GLU A 123 15.92 -4.88 16.12
CA GLU A 123 15.20 -4.14 17.15
C GLU A 123 13.74 -4.60 17.31
N GLU A 124 13.08 -4.96 16.22
CA GLU A 124 11.67 -5.33 16.29
C GLU A 124 11.42 -6.82 16.51
N ALA A 125 12.36 -7.69 16.12
CA ALA A 125 12.13 -9.12 16.16
C ALA A 125 13.29 -9.89 16.73
N GLY A 126 14.37 -9.23 17.12
CA GLY A 126 15.52 -9.94 17.65
C GLY A 126 16.26 -10.78 16.63
N LEU A 127 16.18 -10.44 15.35
CA LEU A 127 16.67 -11.31 14.28
C LEU A 127 17.97 -10.77 13.71
N GLU A 128 18.97 -11.64 13.61
CA GLU A 128 20.13 -11.37 12.77
C GLU A 128 19.75 -11.74 11.35
N VAL A 129 20.23 -10.97 10.39
CA VAL A 129 19.91 -11.18 8.99
C VAL A 129 21.20 -11.54 8.26
N GLY A 130 21.09 -12.53 7.37
CA GLY A 130 22.19 -12.95 6.52
C GLY A 130 22.19 -12.17 5.23
N ARG A 131 21.95 -12.86 4.12
CA ARG A 131 21.80 -12.20 2.83
C ARG A 131 20.49 -11.44 2.73
N THR A 132 20.48 -10.44 1.86
CA THR A 132 19.26 -9.73 1.50
C THR A 132 19.16 -9.62 -0.03
N LYS A 133 17.93 -9.48 -0.52
CA LYS A 133 17.68 -9.18 -1.92
CA LYS A 133 17.67 -9.20 -1.93
C LYS A 133 16.53 -8.19 -1.99
N PRO A 134 16.53 -7.27 -2.96
CA PRO A 134 15.37 -6.39 -3.09
C PRO A 134 14.13 -7.13 -3.52
N ILE A 135 13.00 -6.67 -3.03
CA ILE A 135 11.69 -7.07 -3.56
C ILE A 135 11.20 -5.98 -4.51
N LEU A 136 10.67 -4.89 -3.98
CA LEU A 136 10.04 -3.82 -4.74
C LEU A 136 10.06 -2.59 -3.84
N SER A 137 9.97 -1.42 -4.46
CA SER A 137 9.78 -0.15 -3.76
C SER A 137 8.50 0.49 -4.28
N TYR A 138 7.59 0.86 -3.38
CA TYR A 138 6.26 1.28 -3.78
C TYR A 138 5.81 2.50 -3.03
N LEU A 139 4.88 3.22 -3.68
CA LEU A 139 4.17 4.33 -3.07
C LEU A 139 2.90 3.80 -2.38
N ALA A 140 2.77 4.05 -1.08
CA ALA A 140 1.67 3.49 -0.33
C ALA A 140 0.31 3.90 -0.86
N SER A 141 0.11 5.20 -1.16
CA SER A 141 -1.22 5.71 -1.53
C SER A 141 -1.02 7.09 -2.11
N PRO A 142 -0.53 7.19 -3.35
CA PRO A 142 0.03 8.46 -3.82
C PRO A 142 -0.96 9.54 -4.16
N GLY A 143 -2.27 9.29 -4.09
CA GLY A 143 -3.21 10.39 -4.16
C GLY A 143 -3.26 11.26 -2.94
N GLY A 144 -2.78 10.79 -1.80
CA GLY A 144 -2.85 11.54 -0.58
C GLY A 144 -1.64 11.56 0.32
N THR A 145 -0.64 10.71 0.10
CA THR A 145 0.56 10.68 0.91
C THR A 145 1.76 10.50 -0.01
N SER A 146 2.87 11.12 0.38
CA SER A 146 4.12 10.94 -0.34
C SER A 146 4.84 9.63 -0.01
N GLU A 147 4.37 8.86 0.98
CA GLU A 147 5.18 7.81 1.52
C GLU A 147 5.55 6.75 0.49
N ARG A 148 6.84 6.47 0.46
CA ARG A 148 7.43 5.36 -0.27
C ARG A 148 8.02 4.35 0.72
N LEU A 149 7.83 3.07 0.41
CA LEU A 149 8.38 1.98 1.21
C LEU A 149 9.20 1.09 0.30
N SER A 150 10.38 0.70 0.73
CA SER A 150 11.26 -0.15 -0.05
C SER A 150 11.46 -1.45 0.72
N ILE A 151 11.09 -2.55 0.07
CA ILE A 151 11.05 -3.87 0.68
C ILE A 151 12.25 -4.68 0.24
N LEU A 152 12.89 -5.34 1.21
CA LEU A 152 13.89 -6.37 1.00
C LEU A 152 13.38 -7.68 1.57
N VAL A 153 13.86 -8.79 1.02
CA VAL A 153 13.76 -10.07 1.70
C VAL A 153 15.09 -10.36 2.39
N GLY A 154 15.03 -10.84 3.64
CA GLY A 154 16.20 -11.08 4.43
C GLY A 154 16.25 -12.50 4.94
N GLU A 155 17.40 -13.13 4.75
CA GLU A 155 17.64 -14.51 5.19
C GLU A 155 17.75 -14.56 6.71
N VAL A 156 16.91 -15.38 7.35
CA VAL A 156 16.95 -15.54 8.80
C VAL A 156 16.91 -17.00 9.18
N ASP A 157 17.33 -17.28 10.42
CA ASP A 157 17.11 -18.56 11.06
C ASP A 157 15.86 -18.39 11.93
N ALA A 158 14.71 -18.88 11.45
CA ALA A 158 13.45 -18.65 12.14
C ALA A 158 13.38 -19.40 13.48
N SER A 159 14.22 -20.41 13.68
CA SER A 159 14.26 -21.07 15.00
C SER A 159 14.80 -20.16 16.10
N THR A 160 15.42 -19.03 15.74
CA THR A 160 15.92 -18.05 16.70
C THR A 160 14.90 -16.94 17.00
N ALA A 161 13.75 -16.97 16.34
CA ALA A 161 12.79 -15.87 16.41
C ALA A 161 11.80 -16.10 17.54
N LYS A 162 11.83 -15.23 18.56
CA LYS A 162 11.02 -15.42 19.75
C LYS A 162 10.86 -14.11 20.49
N GLY A 163 9.79 -14.02 21.27
CA GLY A 163 9.73 -13.05 22.34
C GLY A 163 8.98 -11.78 22.02
N ILE A 164 9.08 -10.87 23.01
CA ILE A 164 8.45 -9.56 23.00
CA ILE A 164 8.45 -9.56 23.01
C ILE A 164 9.54 -8.51 22.84
N HIS A 165 9.29 -7.53 21.97
CA HIS A 165 10.28 -6.51 21.63
C HIS A 165 9.61 -5.13 21.63
N GLY A 166 10.39 -4.13 21.30
CA GLY A 166 9.93 -2.76 21.16
C GLY A 166 10.52 -1.85 22.23
N LEU A 167 10.62 -0.57 21.89
CA LEU A 167 11.07 0.46 22.83
C LEU A 167 9.86 0.89 23.66
N ALA A 168 9.74 0.33 24.87
CA ALA A 168 8.64 0.69 25.74
C ALA A 168 8.60 2.19 26.00
N GLU A 169 9.75 2.85 26.02
CA GLU A 169 9.78 4.30 26.14
C GLU A 169 9.07 4.97 24.97
N GLU A 170 9.06 4.33 23.80
CA GLU A 170 8.31 4.80 22.64
C GLU A 170 6.94 4.13 22.52
N ASN A 171 6.42 3.57 23.61
CA ASN A 171 5.10 2.92 23.64
C ASN A 171 4.98 1.83 22.57
N GLU A 172 6.04 1.03 22.43
CA GLU A 172 6.16 0.05 21.37
C GLU A 172 6.18 -1.34 21.98
N ASP A 173 5.20 -2.16 21.64
CA ASP A 173 5.03 -3.49 22.22
C ASP A 173 4.80 -4.47 21.06
N ILE A 174 5.74 -5.39 20.84
CA ILE A 174 5.76 -6.20 19.62
C ILE A 174 5.96 -7.67 20.01
N ARG A 175 5.19 -8.56 19.39
CA ARG A 175 5.32 -10.00 19.59
C ARG A 175 5.71 -10.66 18.28
N VAL A 176 6.62 -11.61 18.37
CA VAL A 176 7.16 -12.31 17.20
C VAL A 176 6.38 -13.59 16.98
N HIS A 177 6.02 -13.87 15.75
CA HIS A 177 5.38 -15.12 15.36
C HIS A 177 6.17 -15.77 14.24
N VAL A 178 6.26 -17.09 14.25
CA VAL A 178 6.85 -17.84 13.16
C VAL A 178 5.77 -18.73 12.58
N VAL A 179 5.60 -18.68 11.26
CA VAL A 179 4.66 -19.55 10.58
C VAL A 179 5.29 -20.04 9.27
N SER A 180 4.74 -21.10 8.70
CA SER A 180 5.17 -21.50 7.39
C SER A 180 4.80 -20.42 6.36
N ARG A 181 5.60 -20.37 5.29
CA ARG A 181 5.24 -19.50 4.18
C ARG A 181 3.85 -19.81 3.69
N GLU A 182 3.51 -21.10 3.53
CA GLU A 182 2.19 -21.43 3.02
C GLU A 182 1.09 -20.87 3.91
N GLN A 183 1.25 -20.96 5.24
CA GLN A 183 0.23 -20.41 6.13
C GLN A 183 0.15 -18.88 6.02
N ALA A 184 1.30 -18.21 5.95
CA ALA A 184 1.30 -16.76 5.82
C ALA A 184 0.59 -16.33 4.54
N TYR A 185 0.86 -17.02 3.44
CA TYR A 185 0.17 -16.69 2.20
C TYR A 185 -1.32 -17.00 2.27
N GLN A 186 -1.68 -18.13 2.87
CA GLN A 186 -3.12 -18.39 3.02
CA GLN A 186 -3.10 -18.43 3.09
C GLN A 186 -3.79 -17.31 3.87
N TRP A 187 -3.09 -16.76 4.86
CA TRP A 187 -3.65 -15.66 5.64
C TRP A 187 -3.82 -14.39 4.79
N VAL A 188 -2.95 -14.13 3.82
CA VAL A 188 -3.21 -13.05 2.85
C VAL A 188 -4.48 -13.35 2.08
N GLU A 189 -4.62 -14.56 1.57
CA GLU A 189 -5.81 -14.89 0.80
CA GLU A 189 -5.81 -14.94 0.81
C GLU A 189 -7.07 -14.72 1.62
N GLU A 190 -7.03 -15.09 2.92
CA GLU A 190 -8.17 -15.03 3.82
C GLU A 190 -8.43 -13.66 4.40
N GLY A 191 -7.53 -12.70 4.20
CA GLY A 191 -7.67 -11.39 4.79
C GLY A 191 -7.17 -11.22 6.20
N LYS A 192 -6.53 -12.25 6.78
CA LYS A 192 -5.94 -12.15 8.11
C LYS A 192 -4.63 -11.39 8.12
N ILE A 193 -3.96 -11.31 6.99
CA ILE A 193 -2.87 -10.38 6.74
C ILE A 193 -3.35 -9.47 5.63
N ASP A 194 -3.49 -8.17 5.93
CA ASP A 194 -4.12 -7.23 5.00
C ASP A 194 -3.55 -5.84 5.08
N ASN A 195 -2.28 -5.69 5.37
CA ASN A 195 -1.57 -4.42 5.27
C ASN A 195 -0.69 -4.48 4.02
N ALA A 196 -0.57 -3.37 3.31
CA ALA A 196 0.07 -3.36 2.01
C ALA A 196 1.46 -3.97 2.00
N ALA A 197 2.32 -3.60 2.94
CA ALA A 197 3.69 -4.07 2.87
C ALA A 197 3.76 -5.59 2.95
N SER A 198 2.95 -6.19 3.85
CA SER A 198 2.96 -7.62 4.01
C SER A 198 2.31 -8.33 2.84
N VAL A 199 1.23 -7.77 2.29
CA VAL A 199 0.59 -8.37 1.11
C VAL A 199 1.56 -8.38 -0.06
N ILE A 200 2.20 -7.25 -0.32
CA ILE A 200 3.14 -7.18 -1.45
C ILE A 200 4.30 -8.14 -1.25
N ALA A 201 4.87 -8.16 -0.05
CA ALA A 201 6.01 -9.01 0.21
C ALA A 201 5.65 -10.48 0.11
N LEU A 202 4.51 -10.88 0.64
CA LEU A 202 4.13 -12.29 0.64
C LEU A 202 3.64 -12.76 -0.72
N GLN A 203 2.98 -11.90 -1.51
CA GLN A 203 2.68 -12.23 -2.90
CA GLN A 203 2.68 -12.28 -2.88
C GLN A 203 3.96 -12.42 -3.70
N TRP A 204 4.91 -11.52 -3.51
CA TRP A 204 6.22 -11.66 -4.15
C TRP A 204 6.85 -12.99 -3.75
N LEU A 205 6.81 -13.30 -2.46
CA LEU A 205 7.42 -14.54 -2.00
C LEU A 205 6.74 -15.74 -2.65
N GLN A 206 5.43 -15.70 -2.79
CA GLN A 206 4.70 -16.81 -3.40
C GLN A 206 5.13 -17.00 -4.85
N LEU A 207 5.46 -15.92 -5.55
CA LEU A 207 5.93 -15.96 -6.92
C LEU A 207 7.40 -16.36 -7.04
N HIS A 208 8.21 -16.18 -6.00
CA HIS A 208 9.65 -16.32 -6.11
C HIS A 208 10.30 -17.33 -5.17
N TYR A 209 9.56 -17.96 -4.27
CA TYR A 209 10.19 -18.73 -3.21
C TYR A 209 10.96 -19.94 -3.73
N HIS A 210 10.50 -20.58 -4.80
CA HIS A 210 11.23 -21.76 -5.23
CA HIS A 210 11.22 -21.78 -5.24
C HIS A 210 12.65 -21.41 -5.64
N ASN A 211 12.80 -20.38 -6.47
CA ASN A 211 14.13 -19.94 -6.87
C ASN A 211 14.92 -19.40 -5.69
N LEU A 212 14.27 -18.65 -4.79
CA LEU A 212 14.98 -18.06 -3.66
C LEU A 212 15.52 -19.15 -2.73
N ARG A 213 14.72 -20.18 -2.46
CA ARG A 213 15.21 -21.26 -1.62
C ARG A 213 16.40 -21.97 -2.25
N ASN A 214 16.35 -22.20 -3.57
CA ASN A 214 17.50 -22.81 -4.25
C ASN A 214 18.74 -21.91 -4.14
N GLU A 215 18.54 -20.61 -4.29
CA GLU A 215 19.66 -19.68 -4.22
C GLU A 215 20.29 -19.65 -2.84
N TRP A 216 19.50 -19.70 -1.79
CA TRP A 216 20.00 -19.49 -0.45
C TRP A 216 20.35 -20.78 0.31
N THR A 217 20.13 -21.95 -0.27
CA THR A 217 20.51 -23.19 0.41
C THR A 217 21.59 -23.98 -0.33
N LYS A 218 22.34 -23.33 -1.21
CA LYS A 218 23.43 -24.05 -1.89
C LYS A 218 24.33 -24.75 -0.87
N GLN B 15 -2.67 -19.88 17.04
CA GLN B 15 -1.95 -19.05 16.08
C GLN B 15 -2.71 -17.76 15.75
N GLY B 16 -2.00 -16.81 15.16
CA GLY B 16 -2.60 -15.53 14.80
C GLY B 16 -2.44 -14.49 15.89
N ILE B 17 -3.21 -13.41 15.75
CA ILE B 17 -3.07 -12.26 16.66
C ILE B 17 -3.54 -12.62 18.06
N THR B 18 -3.14 -11.79 19.02
CA THR B 18 -3.28 -12.08 20.42
C THR B 18 -4.47 -11.39 21.06
N PHE B 19 -4.81 -10.18 20.60
CA PHE B 19 -5.76 -9.32 21.29
C PHE B 19 -6.80 -8.86 20.29
N SER B 20 -7.94 -8.45 20.86
CA SER B 20 -9.15 -8.05 20.15
C SER B 20 -9.56 -6.64 20.55
N LYS B 21 -10.71 -6.18 20.03
CA LYS B 21 -11.26 -4.89 20.46
C LYS B 21 -11.66 -4.88 21.93
N ASN B 22 -11.82 -6.06 22.56
CA ASN B 22 -12.09 -6.05 24.00
C ASN B 22 -10.88 -5.55 24.81
N ASP B 23 -9.69 -5.53 24.18
CA ASP B 23 -8.42 -5.26 24.83
C ASP B 23 -7.89 -3.86 24.58
N VAL B 24 -8.66 -3.00 23.95
CA VAL B 24 -8.25 -1.62 23.70
C VAL B 24 -9.46 -0.73 23.94
N GLU B 25 -9.21 0.42 24.54
CA GLU B 25 -10.23 1.48 24.69
CA GLU B 25 -10.23 1.46 24.66
C GLU B 25 -9.73 2.74 24.02
N ILE B 26 -10.50 3.25 23.05
CA ILE B 26 -10.26 4.56 22.48
C ILE B 26 -11.01 5.55 23.37
N ILE B 27 -10.25 6.39 24.06
CA ILE B 27 -10.78 7.33 25.03
CA ILE B 27 -10.78 7.33 25.03
C ILE B 27 -11.37 8.57 24.35
N ALA B 28 -10.73 9.04 23.29
CA ALA B 28 -11.10 10.29 22.65
C ALA B 28 -10.41 10.35 21.30
N ARG B 29 -10.95 11.20 20.44
CA ARG B 29 -10.29 11.56 19.21
C ARG B 29 -10.36 13.07 19.09
N GLU B 30 -9.28 13.68 18.63
CA GLU B 30 -9.17 15.12 18.49
CA GLU B 30 -9.21 15.12 18.48
C GLU B 30 -8.76 15.45 17.06
N THR B 31 -9.44 16.39 16.43
CA THR B 31 -9.06 16.80 15.08
C THR B 31 -7.89 17.77 15.20
N LEU B 32 -6.76 17.44 14.60
CA LEU B 32 -5.56 18.26 14.56
C LEU B 32 -5.54 19.18 13.36
N TYR B 33 -6.05 18.69 12.23
CA TYR B 33 -6.13 19.43 10.98
C TYR B 33 -7.45 19.03 10.31
N ARG B 34 -8.23 20.02 9.91
CA ARG B 34 -9.54 19.82 9.28
C ARG B 34 -9.52 20.50 7.92
N GLY B 35 -9.46 19.75 6.86
CA GLY B 35 -9.42 20.31 5.51
C GLY B 35 -10.15 19.43 4.55
N PHE B 36 -9.62 19.30 3.34
CA PHE B 36 -10.18 18.31 2.44
C PHE B 36 -10.05 16.92 3.03
N PHE B 37 -8.90 16.60 3.55
CA PHE B 37 -8.65 15.43 4.38
C PHE B 37 -8.53 15.94 5.82
N SER B 38 -8.34 15.03 6.76
CA SER B 38 -8.14 15.40 8.15
CA SER B 38 -8.11 15.44 8.13
C SER B 38 -6.97 14.63 8.73
N LEU B 39 -6.43 15.19 9.81
CA LEU B 39 -5.47 14.50 10.65
C LEU B 39 -6.04 14.51 12.06
N ASP B 40 -6.20 13.32 12.64
CA ASP B 40 -6.80 13.16 13.94
C ASP B 40 -5.79 12.62 14.94
N LEU B 41 -5.94 13.00 16.19
CA LEU B 41 -5.20 12.37 17.29
C LEU B 41 -6.10 11.38 17.99
N TYR B 42 -5.73 10.11 18.00
CA TYR B 42 -6.45 9.11 18.77
C TYR B 42 -5.77 8.98 20.13
N ARG B 43 -6.55 8.96 21.18
CA ARG B 43 -6.07 8.74 22.54
CA ARG B 43 -6.05 8.73 22.53
C ARG B 43 -6.65 7.42 23.02
N PHE B 44 -5.80 6.50 23.49
CA PHE B 44 -6.25 5.14 23.74
C PHE B 44 -5.33 4.45 24.72
N ARG B 45 -5.84 3.36 25.31
CA ARG B 45 -5.03 2.46 26.12
CA ARG B 45 -5.02 2.46 26.10
C ARG B 45 -5.26 1.06 25.60
N HIS B 46 -4.30 0.17 25.84
CA HIS B 46 -4.40 -1.17 25.30
C HIS B 46 -3.60 -2.16 26.14
N ARG B 47 -4.00 -3.42 26.06
CA ARG B 47 -3.24 -4.49 26.70
C ARG B 47 -1.86 -4.65 26.08
N LEU B 48 -0.93 -5.11 26.90
CA LEU B 48 0.46 -5.36 26.56
C LEU B 48 0.73 -6.87 26.52
N PHE B 49 1.66 -7.28 25.65
CA PHE B 49 2.00 -8.69 25.56
C PHE B 49 2.50 -9.24 26.89
N ASN B 50 3.12 -8.42 27.74
CA ASN B 50 3.68 -8.90 29.01
C ASN B 50 2.63 -9.06 30.09
N GLY B 51 1.37 -8.76 29.82
CA GLY B 51 0.30 -9.01 30.76
C GLY B 51 -0.32 -7.76 31.33
N GLY B 52 0.31 -6.61 31.20
CA GLY B 52 -0.23 -5.39 31.75
C GLY B 52 -1.09 -4.59 30.78
N MET B 53 -1.41 -3.38 31.22
CA MET B 53 -2.09 -2.38 30.44
C MET B 53 -1.14 -1.22 30.16
N SER B 54 -1.20 -0.66 28.95
CA SER B 54 -0.48 0.56 28.66
C SER B 54 -1.06 1.74 29.43
N GLY B 55 -0.28 2.81 29.53
CA GLY B 55 -0.87 4.09 29.86
C GLY B 55 -1.69 4.61 28.69
N GLU B 56 -2.25 5.80 28.86
CA GLU B 56 -2.92 6.48 27.76
CA GLU B 56 -2.92 6.44 27.75
C GLU B 56 -1.87 6.92 26.77
N ILE B 57 -2.03 6.50 25.51
CA ILE B 57 -1.15 6.70 24.36
CA ILE B 57 -1.10 6.96 24.50
C ILE B 57 -1.88 7.61 23.38
N THR B 58 -1.13 8.39 22.61
CA THR B 58 -1.71 9.14 21.51
C THR B 58 -0.97 8.83 20.22
N ARG B 59 -1.71 8.85 19.12
CA ARG B 59 -1.17 8.65 17.79
C ARG B 59 -1.89 9.56 16.82
N GLU B 60 -1.13 10.12 15.88
CA GLU B 60 -1.68 10.92 14.78
C GLU B 60 -2.08 10.00 13.64
N ILE B 61 -3.27 10.20 13.08
CA ILE B 61 -3.83 9.33 12.06
C ILE B 61 -4.41 10.19 10.93
N PHE B 62 -3.92 9.98 9.72
CA PHE B 62 -4.42 10.61 8.51
C PHE B 62 -5.71 9.94 8.06
N GLU B 63 -6.78 10.73 8.02
CA GLU B 63 -8.13 10.28 7.71
C GLU B 63 -8.54 10.87 6.36
N ARG B 64 -8.74 10.01 5.40
CA ARG B 64 -9.06 10.41 4.04
C ARG B 64 -10.12 9.52 3.41
N GLY B 65 -10.88 8.79 4.21
CA GLY B 65 -11.84 7.88 3.69
C GLY B 65 -11.17 6.63 3.14
N HIS B 66 -11.95 5.86 2.39
CA HIS B 66 -11.61 4.53 1.90
C HIS B 66 -11.94 4.44 0.43
N ALA B 67 -11.28 3.52 -0.26
CA ALA B 67 -11.32 3.51 -1.72
C ALA B 67 -11.73 2.16 -2.27
N ALA B 68 -12.27 2.20 -3.48
CA ALA B 68 -12.48 1.05 -4.33
C ALA B 68 -11.48 1.10 -5.47
N VAL B 69 -10.95 -0.07 -5.83
CA VAL B 69 -9.95 -0.21 -6.88
C VAL B 69 -10.43 -1.28 -7.84
N LEU B 70 -10.28 -1.02 -9.13
CA LEU B 70 -10.65 -1.99 -10.14
C LEU B 70 -9.45 -2.30 -11.05
N LEU B 71 -9.10 -3.60 -11.11
CA LEU B 71 -8.18 -4.12 -12.11
C LEU B 71 -8.99 -4.48 -13.34
N PRO B 72 -8.88 -3.74 -14.44
CA PRO B 72 -9.67 -4.04 -15.64
C PRO B 72 -8.93 -5.06 -16.47
N PHE B 73 -9.44 -6.28 -16.51
CA PHE B 73 -8.77 -7.40 -17.18
C PHE B 73 -9.66 -7.96 -18.29
N ASP B 74 -9.08 -8.10 -19.47
CA ASP B 74 -9.74 -8.69 -20.61
C ASP B 74 -9.28 -10.14 -20.68
N PRO B 75 -10.12 -11.10 -20.30
CA PRO B 75 -9.66 -12.51 -20.24
C PRO B 75 -9.56 -13.15 -21.60
N VAL B 76 -10.24 -12.61 -22.60
CA VAL B 76 -10.14 -13.15 -23.95
C VAL B 76 -8.79 -12.79 -24.54
N ARG B 77 -8.42 -11.52 -24.44
CA ARG B 77 -7.18 -11.06 -25.02
CA ARG B 77 -7.18 -11.03 -25.03
C ARG B 77 -5.98 -11.14 -24.09
N ASP B 78 -6.21 -11.44 -22.80
CA ASP B 78 -5.13 -11.46 -21.80
C ASP B 78 -4.43 -10.10 -21.71
N GLU B 79 -5.27 -9.05 -21.60
CA GLU B 79 -4.82 -7.67 -21.58
C GLU B 79 -5.32 -6.97 -20.31
N VAL B 80 -4.53 -5.97 -19.90
CA VAL B 80 -4.84 -5.15 -18.73
C VAL B 80 -4.93 -3.69 -19.18
N VAL B 81 -5.90 -2.98 -18.63
CA VAL B 81 -6.06 -1.55 -18.86
C VAL B 81 -5.45 -0.81 -17.68
N LEU B 82 -4.56 0.14 -17.96
CA LEU B 82 -3.95 1.04 -17.00
C LEU B 82 -4.43 2.45 -17.27
N VAL B 83 -4.44 3.29 -16.24
CA VAL B 83 -4.75 4.70 -16.37
C VAL B 83 -3.55 5.50 -15.87
N GLU B 84 -3.19 6.54 -16.61
CA GLU B 84 -2.05 7.39 -16.28
C GLU B 84 -2.56 8.76 -15.87
N GLN B 85 -2.07 9.28 -14.75
CA GLN B 85 -2.44 10.61 -14.29
C GLN B 85 -1.39 11.09 -13.32
N ILE B 86 -1.30 12.40 -13.16
CA ILE B 86 -0.34 12.98 -12.22
C ILE B 86 -0.78 12.74 -10.79
N ARG B 87 0.19 12.39 -9.95
CA ARG B 87 0.03 12.26 -8.48
C ARG B 87 1.16 13.07 -7.88
N ILE B 88 0.90 14.33 -7.54
CA ILE B 88 2.00 15.21 -7.15
C ILE B 88 2.74 14.68 -5.92
N ALA B 89 2.08 13.92 -5.04
CA ALA B 89 2.75 13.36 -3.87
C ALA B 89 3.89 12.43 -4.24
N ALA B 90 3.87 11.85 -5.43
CA ALA B 90 4.96 10.99 -5.88
C ALA B 90 6.21 11.76 -6.24
N TYR B 91 6.12 13.08 -6.40
CA TYR B 91 7.19 13.85 -7.03
C TYR B 91 8.54 13.63 -6.38
N ASP B 92 8.62 13.71 -5.04
CA ASP B 92 9.94 13.78 -4.40
C ASP B 92 10.73 12.48 -4.48
N THR B 93 10.09 11.35 -4.74
CA THR B 93 10.75 10.07 -4.69
C THR B 93 10.67 9.29 -6.00
N SER B 94 10.16 9.90 -7.06
CA SER B 94 9.86 9.20 -8.29
C SER B 94 10.48 9.96 -9.45
N GLU B 95 10.73 9.27 -10.53
CA GLU B 95 11.29 9.96 -11.68
C GLU B 95 10.28 10.91 -12.31
N SER B 96 9.01 10.57 -12.26
CA SER B 96 7.95 11.45 -12.74
C SER B 96 6.76 11.29 -11.82
N PRO B 97 5.99 12.37 -11.61
CA PRO B 97 4.78 12.24 -10.81
C PRO B 97 3.62 11.65 -11.59
N TRP B 98 3.72 11.48 -12.91
CA TRP B 98 2.68 10.74 -13.65
C TRP B 98 2.87 9.27 -13.40
N LEU B 99 1.84 8.62 -12.90
CA LEU B 99 1.86 7.20 -12.56
C LEU B 99 0.87 6.40 -13.41
N LEU B 100 1.22 5.11 -13.59
CA LEU B 100 0.35 4.11 -14.22
C LEU B 100 -0.35 3.33 -13.11
N GLU B 101 -1.68 3.34 -13.15
CA GLU B 101 -2.49 2.90 -12.02
C GLU B 101 -3.69 2.07 -12.45
N MET B 102 -4.32 1.47 -11.45
CA MET B 102 -5.65 0.89 -11.53
CA MET B 102 -5.64 0.90 -11.62
C MET B 102 -6.69 1.99 -11.47
N VAL B 103 -7.84 1.76 -12.09
CA VAL B 103 -9.02 2.60 -11.88
C VAL B 103 -9.33 2.60 -10.39
N ALA B 104 -9.67 3.76 -9.82
CA ALA B 104 -9.93 3.81 -8.39
C ALA B 104 -10.67 5.09 -8.03
N GLY B 105 -11.39 5.04 -6.91
CA GLY B 105 -11.99 6.25 -6.37
C GLY B 105 -12.52 6.03 -4.97
N MET B 106 -12.94 7.12 -4.36
CA MET B 106 -13.38 7.08 -2.98
C MET B 106 -14.79 6.50 -2.87
N ILE B 107 -15.04 5.78 -1.79
CA ILE B 107 -16.36 5.22 -1.50
C ILE B 107 -17.11 6.22 -0.63
N GLU B 108 -18.19 6.76 -1.17
CA GLU B 108 -19.02 7.70 -0.42
C GLU B 108 -20.02 6.95 0.45
N ALA B 109 -20.61 7.68 1.39
CA ALA B 109 -21.53 7.10 2.36
C ALA B 109 -22.61 6.29 1.67
N GLY B 110 -22.74 5.04 2.11
CA GLY B 110 -23.80 4.16 1.64
C GLY B 110 -23.51 3.41 0.35
N GLU B 111 -22.39 3.70 -0.34
CA GLU B 111 -22.09 3.12 -1.64
C GLU B 111 -21.43 1.76 -1.45
N THR B 112 -21.53 0.93 -2.47
CA THR B 112 -20.81 -0.32 -2.48
C THR B 112 -19.49 -0.15 -3.25
N VAL B 113 -18.57 -1.07 -2.99
CA VAL B 113 -17.31 -1.10 -3.74
C VAL B 113 -17.57 -1.20 -5.23
N GLU B 114 -18.53 -2.06 -5.62
CA GLU B 114 -18.86 -2.23 -7.04
C GLU B 114 -19.44 -0.98 -7.66
N ASP B 115 -20.34 -0.28 -6.95
CA ASP B 115 -20.86 0.98 -7.48
C ASP B 115 -19.72 1.88 -7.88
N VAL B 116 -18.77 2.03 -6.98
CA VAL B 116 -17.68 2.95 -7.21
C VAL B 116 -16.79 2.46 -8.33
N ALA B 117 -16.44 1.19 -8.31
CA ALA B 117 -15.59 0.64 -9.36
C ALA B 117 -16.21 0.84 -10.73
N ARG B 118 -17.52 0.61 -10.86
CA ARG B 118 -18.16 0.75 -12.17
C ARG B 118 -18.23 2.21 -12.60
N ARG B 119 -18.53 3.12 -11.67
CA ARG B 119 -18.60 4.53 -12.01
C ARG B 119 -17.22 5.03 -12.43
N GLU B 120 -16.17 4.66 -11.70
CA GLU B 120 -14.82 5.09 -12.02
C GLU B 120 -14.32 4.45 -13.32
N ALA B 121 -14.67 3.19 -13.58
CA ALA B 121 -14.24 2.60 -14.84
C ALA B 121 -14.77 3.41 -16.02
N LEU B 122 -16.01 3.91 -15.92
CA LEU B 122 -16.56 4.73 -17.00
CA LEU B 122 -16.57 4.73 -16.99
C LEU B 122 -15.92 6.11 -17.02
N GLU B 123 -15.78 6.75 -15.86
CA GLU B 123 -15.28 8.14 -15.80
C GLU B 123 -13.80 8.24 -16.11
N GLU B 124 -13.01 7.25 -15.70
CA GLU B 124 -11.56 7.29 -15.83
C GLU B 124 -11.06 6.57 -17.06
N ALA B 125 -11.81 5.61 -17.60
CA ALA B 125 -11.29 4.80 -18.69
C ALA B 125 -12.31 4.55 -19.79
N GLY B 126 -13.52 5.09 -19.69
CA GLY B 126 -14.50 4.88 -20.73
C GLY B 126 -14.98 3.47 -20.84
N LEU B 127 -14.90 2.69 -19.76
CA LEU B 127 -15.12 1.25 -19.82
C LEU B 127 -16.40 0.81 -19.16
N GLU B 128 -17.12 -0.08 -19.84
CA GLU B 128 -18.13 -0.92 -19.24
C GLU B 128 -17.44 -2.13 -18.63
N VAL B 129 -18.04 -2.66 -17.57
CA VAL B 129 -17.50 -3.78 -16.84
C VAL B 129 -18.52 -4.92 -16.84
N GLY B 130 -18.05 -6.14 -17.07
CA GLY B 130 -18.87 -7.32 -17.01
C GLY B 130 -18.89 -7.93 -15.63
N ARG B 131 -18.47 -9.18 -15.53
CA ARG B 131 -18.36 -9.86 -14.25
C ARG B 131 -17.28 -9.20 -13.39
N THR B 132 -17.42 -9.37 -12.08
CA THR B 132 -16.45 -8.87 -11.13
C THR B 132 -16.25 -9.91 -10.04
N LYS B 133 -15.02 -9.94 -9.49
CA LYS B 133 -14.65 -10.80 -8.38
C LYS B 133 -13.75 -9.99 -7.45
N PRO B 134 -13.84 -10.19 -6.13
CA PRO B 134 -12.86 -9.54 -5.24
C PRO B 134 -11.44 -10.05 -5.47
N ILE B 135 -10.49 -9.18 -5.27
CA ILE B 135 -9.07 -9.53 -5.16
C ILE B 135 -8.75 -9.60 -3.66
N LEU B 136 -8.54 -8.46 -3.04
CA LEU B 136 -8.08 -8.31 -1.66
CA LEU B 136 -8.41 -8.39 -1.59
C LEU B 136 -8.55 -6.92 -1.19
N SER B 137 -8.70 -6.74 0.11
CA SER B 137 -8.88 -5.43 0.72
C SER B 137 -7.75 -5.19 1.70
N TYR B 138 -7.07 -4.05 1.59
CA TYR B 138 -5.86 -3.83 2.36
C TYR B 138 -5.81 -2.45 2.95
N LEU B 139 -5.04 -2.34 4.04
CA LEU B 139 -4.70 -1.06 4.67
C LEU B 139 -3.44 -0.51 4.00
N ALA B 140 -3.54 0.68 3.45
CA ALA B 140 -2.42 1.26 2.71
C ALA B 140 -1.17 1.41 3.54
N SER B 141 -1.27 1.90 4.77
CA SER B 141 -0.10 2.21 5.59
C SER B 141 -0.58 2.44 7.00
N PRO B 142 -0.91 1.37 7.74
CA PRO B 142 -1.70 1.54 8.96
C PRO B 142 -0.95 2.09 10.16
N GLY B 143 0.35 2.35 10.08
CA GLY B 143 1.03 3.09 11.13
C GLY B 143 0.69 4.55 11.13
N GLY B 144 0.14 5.09 10.04
CA GLY B 144 -0.17 6.50 9.97
C GLY B 144 -1.48 6.90 9.32
N THR B 145 -2.16 6.02 8.62
CA THR B 145 -3.42 6.36 7.97
C THR B 145 -4.41 5.23 8.19
N SER B 146 -5.70 5.56 8.29
CA SER B 146 -6.75 4.55 8.39
C SER B 146 -7.14 3.98 7.02
N GLU B 147 -6.61 4.51 5.92
CA GLU B 147 -7.18 4.18 4.63
C GLU B 147 -7.15 2.70 4.33
N ARG B 148 -8.31 2.20 3.91
CA ARG B 148 -8.48 0.86 3.37
C ARG B 148 -8.89 0.98 1.91
N LEU B 149 -8.37 0.08 1.09
CA LEU B 149 -8.67 0.01 -0.32
C LEU B 149 -9.15 -1.40 -0.64
N SER B 150 -10.26 -1.52 -1.33
CA SER B 150 -10.86 -2.82 -1.66
C SER B 150 -10.76 -2.99 -3.16
N ILE B 151 -10.01 -4.00 -3.58
CA ILE B 151 -9.71 -4.24 -4.99
C ILE B 151 -10.64 -5.32 -5.52
N LEU B 152 -11.21 -5.06 -6.70
CA LEU B 152 -11.93 -6.04 -7.52
C LEU B 152 -11.18 -6.23 -8.84
N VAL B 153 -11.32 -7.41 -9.44
CA VAL B 153 -11.01 -7.57 -10.86
C VAL B 153 -12.32 -7.51 -11.62
N GLY B 154 -12.29 -6.77 -12.72
CA GLY B 154 -13.47 -6.59 -13.54
C GLY B 154 -13.19 -7.00 -14.97
N GLU B 155 -14.14 -7.74 -15.54
CA GLU B 155 -14.06 -8.21 -16.93
C GLU B 155 -14.33 -7.08 -17.89
N VAL B 156 -13.39 -6.79 -18.77
CA VAL B 156 -13.55 -5.73 -19.76
C VAL B 156 -13.16 -6.23 -21.14
N ASP B 157 -13.61 -5.49 -22.14
CA ASP B 157 -13.17 -5.65 -23.52
C ASP B 157 -12.12 -4.57 -23.78
N ALA B 158 -10.84 -4.96 -23.76
CA ALA B 158 -9.77 -3.97 -23.81
C ALA B 158 -9.73 -3.25 -25.14
N SER B 159 -10.35 -3.79 -26.18
CA SER B 159 -10.39 -3.07 -27.44
C SER B 159 -11.20 -1.79 -27.33
N THR B 160 -12.03 -1.65 -26.29
CA THR B 160 -12.86 -0.46 -26.07
C THR B 160 -12.18 0.54 -25.15
N ALA B 161 -10.96 0.24 -24.69
CA ALA B 161 -10.22 1.05 -23.72
C ALA B 161 -9.22 1.90 -24.49
N LYS B 162 -9.44 3.22 -24.53
CA LYS B 162 -8.57 4.10 -25.31
CA LYS B 162 -8.57 4.10 -25.30
C LYS B 162 -8.92 5.54 -24.99
N GLY B 163 -7.94 6.42 -25.14
CA GLY B 163 -8.20 7.85 -25.12
C GLY B 163 -7.97 8.51 -23.77
N ILE B 164 -8.44 9.75 -23.71
CA ILE B 164 -8.26 10.65 -22.58
C ILE B 164 -9.60 10.83 -21.90
N HIS B 165 -9.59 10.65 -20.58
CA HIS B 165 -10.77 10.66 -19.74
C HIS B 165 -10.48 11.49 -18.50
N GLY B 166 -11.28 11.28 -17.45
CA GLY B 166 -11.23 12.12 -16.26
C GLY B 166 -12.15 13.32 -16.39
N LEU B 167 -12.69 13.75 -15.24
CA LEU B 167 -13.60 14.90 -15.21
C LEU B 167 -12.79 16.19 -15.08
N ALA B 168 -12.85 17.03 -16.12
CA ALA B 168 -12.11 18.29 -16.06
C ALA B 168 -12.67 19.22 -15.00
N GLU B 169 -13.94 19.05 -14.61
CA GLU B 169 -14.49 19.81 -13.49
C GLU B 169 -13.77 19.48 -12.18
N GLU B 170 -13.18 18.30 -12.08
CA GLU B 170 -12.39 17.90 -10.92
C GLU B 170 -10.89 18.06 -11.15
N ASN B 171 -10.48 18.71 -12.24
CA ASN B 171 -9.06 18.84 -12.58
C ASN B 171 -8.42 17.46 -12.70
N GLU B 172 -9.14 16.54 -13.33
CA GLU B 172 -8.72 15.15 -13.49
C GLU B 172 -8.45 14.92 -14.97
N ASP B 173 -7.20 14.59 -15.30
CA ASP B 173 -6.75 14.39 -16.67
C ASP B 173 -6.10 13.01 -16.71
N ILE B 174 -6.70 12.06 -17.45
CA ILE B 174 -6.32 10.64 -17.36
C ILE B 174 -6.15 10.07 -18.76
N ARG B 175 -5.06 9.37 -18.99
CA ARG B 175 -4.82 8.70 -20.26
C ARG B 175 -4.87 7.19 -20.10
N VAL B 176 -5.61 6.52 -20.98
CA VAL B 176 -5.70 5.06 -20.93
C VAL B 176 -4.52 4.45 -21.66
N HIS B 177 -4.00 3.37 -21.12
CA HIS B 177 -3.00 2.52 -21.75
C HIS B 177 -3.50 1.08 -21.71
N VAL B 178 -3.31 0.35 -22.79
CA VAL B 178 -3.59 -1.09 -22.81
C VAL B 178 -2.27 -1.82 -23.02
N VAL B 179 -2.03 -2.84 -22.19
CA VAL B 179 -0.85 -3.69 -22.28
C VAL B 179 -1.29 -5.13 -22.16
N SER B 180 -0.42 -6.06 -22.55
CA SER B 180 -0.72 -7.45 -22.20
C SER B 180 -0.53 -7.63 -20.70
N ARG B 181 -1.13 -8.70 -20.14
CA ARG B 181 -0.90 -9.01 -18.73
C ARG B 181 0.59 -9.20 -18.45
N GLU B 182 1.28 -9.98 -19.30
CA GLU B 182 2.69 -10.21 -19.03
CA GLU B 182 2.71 -10.22 -19.09
C GLU B 182 3.49 -8.90 -19.07
N GLN B 183 3.15 -8.00 -20.00
CA GLN B 183 3.81 -6.70 -20.08
C GLN B 183 3.53 -5.86 -18.82
N ALA B 184 2.30 -5.85 -18.34
CA ALA B 184 1.99 -5.14 -17.09
C ALA B 184 2.82 -5.67 -15.92
N TYR B 185 2.91 -6.99 -15.79
CA TYR B 185 3.69 -7.57 -14.71
C TYR B 185 5.18 -7.27 -14.87
N GLN B 186 5.70 -7.32 -16.10
CA GLN B 186 7.07 -6.91 -16.33
CA GLN B 186 7.08 -6.91 -16.30
C GLN B 186 7.31 -5.48 -15.84
N TRP B 187 6.34 -4.60 -16.10
CA TRP B 187 6.44 -3.21 -15.65
C TRP B 187 6.47 -3.11 -14.11
N VAL B 188 5.74 -3.97 -13.40
CA VAL B 188 5.90 -4.06 -11.93
C VAL B 188 7.31 -4.47 -11.56
N GLU B 189 7.81 -5.53 -12.18
CA GLU B 189 9.13 -6.05 -11.82
C GLU B 189 10.19 -4.99 -12.02
N GLU B 190 10.08 -4.22 -13.11
CA GLU B 190 11.04 -3.18 -13.47
C GLU B 190 10.86 -1.88 -12.68
N GLY B 191 9.80 -1.74 -11.92
CA GLY B 191 9.57 -0.51 -11.17
C GLY B 191 8.85 0.57 -11.95
N LYS B 192 8.38 0.27 -13.16
CA LYS B 192 7.62 1.25 -13.93
CA LYS B 192 7.61 1.24 -13.94
C LYS B 192 6.19 1.40 -13.42
N ILE B 193 5.66 0.38 -12.77
CA ILE B 193 4.42 0.41 -11.99
C ILE B 193 4.83 0.17 -10.55
N ASP B 194 4.60 1.14 -9.67
CA ASP B 194 5.15 1.07 -8.33
C ASP B 194 4.25 1.75 -7.30
N ASN B 195 2.94 1.71 -7.48
CA ASN B 195 1.98 2.13 -6.47
C ASN B 195 1.30 0.88 -5.91
N ALA B 196 1.00 0.91 -4.61
CA ALA B 196 0.55 -0.28 -3.92
C ALA B 196 -0.64 -0.96 -4.59
N ALA B 197 -1.68 -0.22 -4.97
CA ALA B 197 -2.87 -0.88 -5.46
C ALA B 197 -2.57 -1.67 -6.74
N SER B 198 -1.75 -1.10 -7.61
CA SER B 198 -1.45 -1.76 -8.88
CA SER B 198 -1.45 -1.77 -8.88
C SER B 198 -0.50 -2.94 -8.68
N VAL B 199 0.47 -2.80 -7.78
CA VAL B 199 1.38 -3.90 -7.47
C VAL B 199 0.59 -5.07 -6.92
N ILE B 200 -0.27 -4.80 -5.93
CA ILE B 200 -1.05 -5.88 -5.31
C ILE B 200 -1.95 -6.55 -6.34
N ALA B 201 -2.65 -5.74 -7.14
CA ALA B 201 -3.56 -6.30 -8.12
C ALA B 201 -2.85 -7.16 -9.16
N LEU B 202 -1.71 -6.69 -9.66
CA LEU B 202 -1.00 -7.37 -10.73
C LEU B 202 -0.24 -8.58 -10.22
N GLN B 203 0.29 -8.55 -8.99
CA GLN B 203 0.84 -9.79 -8.44
CA GLN B 203 0.82 -9.77 -8.38
C GLN B 203 -0.27 -10.81 -8.21
N TRP B 204 -1.44 -10.39 -7.74
CA TRP B 204 -2.56 -11.28 -7.62
C TRP B 204 -2.92 -11.88 -8.97
N LEU B 205 -2.94 -11.06 -10.02
CA LEU B 205 -3.28 -11.56 -11.33
C LEU B 205 -2.28 -12.59 -11.81
N GLN B 206 -0.99 -12.38 -11.52
CA GLN B 206 0.01 -13.37 -11.89
CA GLN B 206 0.01 -13.39 -11.88
C GLN B 206 -0.21 -14.70 -11.15
N LEU B 207 -0.74 -14.67 -9.94
CA LEU B 207 -1.02 -15.87 -9.16
C LEU B 207 -2.34 -16.52 -9.51
N HIS B 208 -3.23 -15.83 -10.20
CA HIS B 208 -4.59 -16.34 -10.43
C HIS B 208 -5.07 -16.35 -11.86
N TYR B 209 -4.27 -15.88 -12.82
CA TYR B 209 -4.79 -15.66 -14.16
C TYR B 209 -5.27 -16.95 -14.83
N HIS B 210 -4.60 -18.07 -14.60
CA HIS B 210 -4.99 -19.28 -15.31
C HIS B 210 -6.41 -19.67 -14.95
N ASN B 211 -6.72 -19.70 -13.65
CA ASN B 211 -8.06 -20.07 -13.24
C ASN B 211 -9.07 -19.00 -13.62
N LEU B 212 -8.69 -17.72 -13.53
CA LEU B 212 -9.62 -16.64 -13.85
C LEU B 212 -9.98 -16.66 -15.33
N ARG B 213 -8.98 -16.82 -16.19
CA ARG B 213 -9.28 -16.89 -17.62
C ARG B 213 -10.16 -18.08 -17.92
N ASN B 214 -9.91 -19.23 -17.29
CA ASN B 214 -10.76 -20.38 -17.53
C ASN B 214 -12.19 -20.11 -17.07
N GLU B 215 -12.36 -19.48 -15.92
CA GLU B 215 -13.70 -19.20 -15.42
C GLU B 215 -14.45 -18.24 -16.34
N TRP B 216 -13.76 -17.25 -16.87
CA TRP B 216 -14.41 -16.20 -17.65
C TRP B 216 -14.43 -16.47 -19.15
N THR B 217 -13.84 -17.56 -19.62
CA THR B 217 -13.94 -17.90 -21.03
C THR B 217 -14.68 -19.22 -21.28
N LYS B 218 -15.34 -19.78 -20.26
CA LYS B 218 -16.11 -21.02 -20.44
C LYS B 218 -17.14 -20.82 -21.56
MG MG C . 7.91 -0.95 13.03
MG MG D . -9.29 7.99 -9.42
C1 HSX E . -4.89 6.98 -4.98
O4 HSX E . -5.87 6.02 -5.38
C2 HSX E . -5.39 7.60 -3.67
O2 HSX E . -4.37 7.82 -2.71
C3 HSX E . -6.47 6.65 -3.17
O3 HSX E . -5.91 5.66 -2.34
C4 HSX E . -6.99 6.04 -4.49
C5 HSX E . -8.16 6.74 -5.14
O5 HSX E . -7.91 8.16 -5.17
P' HSX E . -8.44 9.05 -6.41
O1X HSX E . -7.63 10.32 -6.32
O2X HSX E . -8.17 8.26 -7.68
O3X HSX E . -9.92 9.27 -6.17
O1 HSX E . -3.67 6.39 -4.75
C1 HSX F . 3.58 1.04 9.18
O4 HSX F . 4.84 0.53 8.73
C2 HSX F . 3.63 2.55 8.94
O2 HSX F . 2.47 3.07 8.34
C3 HSX F . 4.88 2.82 8.11
O3 HSX F . 4.57 2.85 6.73
C4 HSX F . 5.75 1.61 8.43
C5 HSX F . 6.75 1.75 9.56
O5 HSX F . 6.10 2.36 10.68
P' HSX F . 6.56 1.94 12.16
O1X HSX F . 6.62 0.43 12.19
O2X HSX F . 5.49 2.51 13.07
O3X HSX F . 7.91 2.60 12.35
O1 HSX F . 2.54 0.50 8.47
#